data_8A16
#
_entry.id   8A16
#
_cell.length_a   50.682
_cell.length_b   89.638
_cell.length_c   128.289
_cell.angle_alpha   90.000
_cell.angle_beta   90.000
_cell.angle_gamma   90.000
#
_symmetry.space_group_name_H-M   'P 21 21 21'
#
loop_
_entity.id
_entity.type
_entity.pdbx_description
1 polymer 'Receptor-type tyrosine-protein phosphatase mu'
2 branched beta-D-mannopyranose-(1-4)-2-acetamido-2-deoxy-beta-D-glucopyranose-(1-4)-[alpha-L-fucopyranose-(1-6)]2-acetamido-2-deoxy-beta-D-glucopyranose
3 branched 2-acetamido-2-deoxy-beta-D-glucopyranose-(1-4)-[alpha-L-fucopyranose-(1-6)]2-acetamido-2-deoxy-beta-D-glucopyranose
#
_entity_poly.entity_id   1
_entity_poly.type   'polypeptide(L)'
_entity_poly.pdbx_seq_one_letter_code
;ETGDEDLPGAVPTESIQGSTFEEKIFLQWREPTQTYGVITLYEITYKAVSSFDPEIDLSNQSGRVSKLGNETHFLFFGLY
PGTTYSFTIRASTAKGFGPPATNQFTTKISAPSMPAYELETPLNQTDNTVTVMLKPAHSRGAPVSVYQIVVEEERPRRTK
KTTEILKCYPVPIHFQNASLLNSQYYFAAEFPADSLQAAQPFTIGDNKTYNGYWNTPLLPYKSYRIYFQAASRANGETKI
DCVQVATKGGTKHHHHHH
;
_entity_poly.pdbx_strand_id   A,B
#
# COMPACT_ATOMS: atom_id res chain seq x y z
N LEU A 7 17.69 -14.46 -28.18
CA LEU A 7 17.28 -14.48 -26.78
C LEU A 7 18.03 -13.43 -25.97
N PRO A 8 17.38 -12.89 -24.93
CA PRO A 8 18.05 -11.88 -24.10
C PRO A 8 19.09 -12.50 -23.17
N GLY A 9 19.96 -11.63 -22.66
CA GLY A 9 21.02 -12.05 -21.78
C GLY A 9 20.57 -12.30 -20.35
N ALA A 10 21.56 -12.61 -19.50
CA ALA A 10 21.32 -12.78 -18.08
C ALA A 10 21.15 -11.45 -17.36
N VAL A 11 20.35 -11.47 -16.30
CA VAL A 11 20.37 -10.38 -15.31
C VAL A 11 21.68 -10.44 -14.51
N PRO A 12 22.39 -9.33 -14.34
CA PRO A 12 23.62 -9.34 -13.54
C PRO A 12 23.34 -9.75 -12.09
N THR A 13 24.05 -10.79 -11.64
CA THR A 13 23.74 -11.41 -10.36
C THR A 13 23.87 -10.46 -9.19
N GLU A 14 24.91 -9.62 -9.18
CA GLU A 14 25.09 -8.69 -8.06
C GLU A 14 24.23 -7.45 -8.17
N SER A 15 23.50 -7.26 -9.27
CA SER A 15 22.50 -6.21 -9.30
C SER A 15 21.26 -6.59 -8.52
N ILE A 16 21.03 -7.88 -8.31
CA ILE A 16 19.88 -8.36 -7.56
C ILE A 16 20.05 -7.99 -6.09
N GLN A 17 19.18 -7.13 -5.59
CA GLN A 17 19.25 -6.69 -4.20
C GLN A 17 17.87 -6.74 -3.57
N GLY A 18 17.82 -7.19 -2.31
CA GLY A 18 16.58 -7.27 -1.56
C GLY A 18 16.60 -6.53 -0.25
N SER A 19 15.53 -5.77 0.01
CA SER A 19 15.29 -5.15 1.32
C SER A 19 14.20 -5.98 2.01
N THR A 20 14.51 -6.55 3.18
CA THR A 20 13.71 -7.64 3.73
C THR A 20 12.92 -7.19 4.95
N PHE A 21 11.75 -7.78 5.12
CA PHE A 21 10.85 -7.51 6.23
C PHE A 21 10.51 -8.84 6.86
N GLU A 22 9.54 -8.88 7.77
CA GLU A 22 9.20 -10.16 8.39
C GLU A 22 8.48 -11.08 7.42
N GLU A 23 7.56 -10.54 6.62
CA GLU A 23 6.74 -11.34 5.73
C GLU A 23 6.79 -10.82 4.30
N LYS A 24 7.78 -9.97 3.98
CA LYS A 24 7.94 -9.43 2.65
C LYS A 24 9.42 -9.30 2.31
N ILE A 25 9.71 -9.34 1.01
CA ILE A 25 11.00 -8.95 0.47
C ILE A 25 10.75 -8.08 -0.76
N PHE A 26 11.34 -6.89 -0.78
CA PHE A 26 11.30 -6.05 -1.98
C PHE A 26 12.52 -6.38 -2.82
N LEU A 27 12.29 -6.96 -3.99
CA LEU A 27 13.35 -7.47 -4.85
C LEU A 27 13.59 -6.51 -6.00
N GLN A 28 14.87 -6.28 -6.31
CA GLN A 28 15.31 -5.19 -7.18
C GLN A 28 16.50 -5.65 -8.00
N TRP A 29 16.50 -5.35 -9.31
CA TRP A 29 17.58 -5.80 -10.17
C TRP A 29 17.80 -4.80 -11.30
N ARG A 30 18.78 -5.10 -12.16
CA ARG A 30 19.07 -4.37 -13.37
C ARG A 30 18.77 -5.23 -14.60
N GLU A 31 18.43 -4.56 -15.70
CA GLU A 31 18.09 -5.26 -16.94
C GLU A 31 19.29 -6.04 -17.48
N PRO A 32 19.04 -7.05 -18.31
CA PRO A 32 20.13 -7.87 -18.85
C PRO A 32 21.17 -7.06 -19.60
N THR A 33 22.43 -7.47 -19.45
CA THR A 33 23.55 -6.69 -19.95
C THR A 33 23.40 -6.38 -21.44
N GLN A 34 23.05 -7.38 -22.25
CA GLN A 34 22.66 -7.20 -23.63
C GLN A 34 21.23 -7.69 -23.82
N THR A 35 20.40 -6.91 -24.51
CA THR A 35 19.06 -7.34 -24.80
C THR A 35 18.83 -7.41 -26.31
N TYR A 36 18.34 -8.57 -26.75
CA TYR A 36 17.78 -8.77 -28.07
C TYR A 36 16.28 -8.50 -28.01
N GLY A 37 15.79 -7.60 -28.86
CA GLY A 37 14.39 -7.25 -28.79
C GLY A 37 14.03 -6.40 -27.57
N VAL A 38 12.78 -6.54 -27.14
CA VAL A 38 12.24 -5.82 -26.00
C VAL A 38 11.82 -6.82 -24.94
N ILE A 39 12.13 -6.50 -23.68
CA ILE A 39 11.76 -7.39 -22.59
C ILE A 39 10.26 -7.25 -22.32
N THR A 40 9.53 -8.36 -22.46
CA THR A 40 8.09 -8.39 -22.23
C THR A 40 7.75 -8.63 -20.76
N LEU A 41 8.52 -9.48 -20.08
CA LEU A 41 8.26 -9.77 -18.67
C LEU A 41 9.54 -10.33 -18.06
N TYR A 42 9.57 -10.32 -16.73
CA TYR A 42 10.54 -11.10 -15.97
C TYR A 42 9.82 -12.23 -15.24
N GLU A 43 10.45 -13.41 -15.25
CA GLU A 43 9.98 -14.57 -14.49
C GLU A 43 10.90 -14.76 -13.30
N ILE A 44 10.34 -14.80 -12.10
CA ILE A 44 11.10 -15.01 -10.87
C ILE A 44 10.62 -16.29 -10.21
N THR A 45 11.55 -17.22 -10.00
CA THR A 45 11.31 -18.37 -9.14
C THR A 45 11.77 -18.06 -7.72
N TYR A 46 10.94 -18.39 -6.74
CA TYR A 46 11.34 -18.27 -5.34
C TYR A 46 11.19 -19.61 -4.63
N LYS A 47 12.08 -19.83 -3.65
CA LYS A 47 12.18 -21.12 -2.98
C LYS A 47 12.85 -20.90 -1.62
N ALA A 48 12.19 -21.37 -0.56
CA ALA A 48 12.78 -21.34 0.77
C ALA A 48 13.93 -22.33 0.89
N VAL A 49 15.08 -21.84 1.34
CA VAL A 49 16.28 -22.66 1.46
C VAL A 49 16.51 -23.11 2.90
N SER A 50 16.21 -22.25 3.87
CA SER A 50 16.40 -22.58 5.27
C SER A 50 15.56 -21.63 6.11
N SER A 51 15.45 -21.94 7.40
CA SER A 51 14.77 -21.06 8.34
C SER A 51 15.38 -21.22 9.73
N PHE A 52 15.35 -20.13 10.50
CA PHE A 52 15.63 -20.20 11.93
C PHE A 52 14.47 -20.77 12.73
N ASP A 53 13.29 -20.82 12.13
CA ASP A 53 12.14 -21.42 12.81
C ASP A 53 12.33 -22.92 12.91
N PRO A 54 12.27 -23.50 14.11
CA PRO A 54 12.47 -24.95 14.22
C PRO A 54 11.29 -25.74 13.70
N GLU A 55 10.10 -25.14 13.65
CA GLU A 55 8.88 -25.82 13.23
C GLU A 55 8.36 -25.14 11.95
N ILE A 56 8.83 -25.62 10.80
CA ILE A 56 8.38 -25.09 9.51
C ILE A 56 8.61 -26.16 8.46
N ASP A 57 7.69 -26.23 7.50
CA ASP A 57 7.82 -27.09 6.34
C ASP A 57 8.29 -26.26 5.15
N LEU A 58 9.48 -26.57 4.65
CA LEU A 58 10.06 -25.82 3.55
C LEU A 58 9.81 -26.45 2.18
N SER A 59 9.34 -27.70 2.15
CA SER A 59 9.25 -28.43 0.89
C SER A 59 8.21 -27.83 -0.05
N ASN A 60 7.30 -27.02 0.49
CA ASN A 60 6.25 -26.37 -0.27
C ASN A 60 6.30 -24.85 -0.20
N GLN A 61 7.34 -24.27 0.38
CA GLN A 61 7.57 -22.83 0.40
C GLN A 61 8.27 -22.39 -0.90
N SER A 62 7.56 -22.55 -2.02
CA SER A 62 8.12 -22.27 -3.32
C SER A 62 7.04 -21.63 -4.21
N GLY A 63 7.49 -21.06 -5.32
CA GLY A 63 6.56 -20.51 -6.29
C GLY A 63 7.28 -19.84 -7.44
N ARG A 64 6.47 -19.30 -8.36
CA ARG A 64 6.95 -18.64 -9.57
C ARG A 64 6.05 -17.46 -9.86
N VAL A 65 6.64 -16.32 -10.23
CA VAL A 65 5.90 -15.13 -10.62
C VAL A 65 6.32 -14.72 -12.02
N SER A 66 5.34 -14.33 -12.84
CA SER A 66 5.62 -13.70 -14.13
C SER A 66 5.25 -12.21 -14.02
N LYS A 67 6.28 -11.39 -13.86
CA LYS A 67 6.12 -9.95 -13.66
C LYS A 67 6.07 -9.28 -15.04
N LEU A 68 4.88 -8.90 -15.48
CA LEU A 68 4.75 -8.31 -16.80
C LEU A 68 5.37 -6.90 -16.82
N GLY A 69 5.74 -6.48 -18.03
CA GLY A 69 6.45 -5.23 -18.18
C GLY A 69 7.94 -5.47 -17.97
N ASN A 70 8.72 -4.40 -18.09
CA ASN A 70 10.17 -4.51 -17.95
C ASN A 70 10.72 -3.63 -16.83
N GLU A 71 9.86 -3.18 -15.90
CA GLU A 71 10.37 -2.53 -14.70
C GLU A 71 11.02 -3.58 -13.82
N THR A 72 12.23 -3.28 -13.35
CA THR A 72 13.11 -4.27 -12.75
C THR A 72 12.98 -4.37 -11.23
N HIS A 73 11.75 -4.51 -10.73
CA HIS A 73 11.54 -4.77 -9.31
C HIS A 73 10.21 -5.48 -9.10
N PHE A 74 10.11 -6.18 -7.97
CA PHE A 74 8.87 -6.83 -7.54
C PHE A 74 8.86 -6.99 -6.03
N LEU A 75 7.69 -6.80 -5.41
CA LEU A 75 7.50 -6.97 -3.98
C LEU A 75 6.82 -8.31 -3.68
N PHE A 76 7.50 -9.17 -2.93
CA PHE A 76 6.99 -10.49 -2.53
C PHE A 76 6.25 -10.42 -1.20
N PHE A 77 4.94 -10.64 -1.22
CA PHE A 77 4.16 -10.81 -0.01
C PHE A 77 4.05 -12.29 0.38
N GLY A 78 3.56 -12.52 1.58
CA GLY A 78 3.23 -13.86 2.01
C GLY A 78 4.42 -14.75 2.26
N LEU A 79 5.57 -14.19 2.60
CA LEU A 79 6.72 -15.00 2.94
C LEU A 79 6.69 -15.36 4.43
N TYR A 80 7.49 -16.34 4.79
CA TYR A 80 7.49 -16.71 6.19
C TYR A 80 8.66 -16.06 6.92
N PRO A 81 8.48 -15.65 8.16
CA PRO A 81 9.55 -14.93 8.87
C PRO A 81 10.77 -15.82 9.10
N GLY A 82 11.89 -15.14 9.34
CA GLY A 82 13.13 -15.81 9.70
C GLY A 82 13.64 -16.81 8.67
N THR A 83 13.26 -16.64 7.41
CA THR A 83 13.43 -17.69 6.41
C THR A 83 14.21 -17.17 5.22
N THR A 84 15.21 -17.92 4.78
CA THR A 84 16.02 -17.57 3.61
C THR A 84 15.33 -18.09 2.35
N TYR A 85 14.98 -17.18 1.45
CA TYR A 85 14.40 -17.52 0.16
C TYR A 85 15.42 -17.31 -0.95
N SER A 86 15.60 -18.31 -1.81
CA SER A 86 16.38 -18.17 -3.03
C SER A 86 15.50 -17.65 -4.16
N PHE A 87 15.99 -16.64 -4.87
CA PHE A 87 15.28 -16.03 -5.99
C PHE A 87 16.09 -16.22 -7.27
N THR A 88 15.43 -16.71 -8.32
CA THR A 88 16.03 -16.85 -9.63
C THR A 88 15.23 -16.05 -10.66
N ILE A 89 15.91 -15.17 -11.39
CA ILE A 89 15.27 -14.24 -12.33
C ILE A 89 15.66 -14.60 -13.76
N ARG A 90 14.65 -14.67 -14.64
CA ARG A 90 14.84 -14.72 -16.09
C ARG A 90 14.08 -13.59 -16.77
N ALA A 91 14.73 -12.94 -17.73
CA ALA A 91 14.06 -11.99 -18.61
C ALA A 91 13.55 -12.68 -19.87
N SER A 92 12.40 -12.24 -20.36
CA SER A 92 11.83 -12.77 -21.59
C SER A 92 11.63 -11.66 -22.61
N THR A 93 12.25 -11.83 -23.78
CA THR A 93 11.83 -11.17 -25.00
C THR A 93 10.63 -11.91 -25.59
N ALA A 94 9.97 -11.30 -26.56
CA ALA A 94 8.85 -11.95 -27.24
C ALA A 94 9.24 -13.30 -27.84
N LYS A 95 10.52 -13.56 -28.10
CA LYS A 95 10.97 -14.87 -28.54
C LYS A 95 11.18 -15.88 -27.42
N GLY A 96 11.36 -15.45 -26.20
CA GLY A 96 11.53 -16.40 -25.11
C GLY A 96 12.53 -15.94 -24.09
N PHE A 97 12.80 -16.83 -23.13
CA PHE A 97 13.57 -16.55 -21.93
C PHE A 97 15.08 -16.59 -22.16
N GLY A 98 15.78 -15.74 -21.42
CA GLY A 98 17.22 -15.79 -21.30
C GLY A 98 17.68 -16.67 -20.16
N PRO A 99 19.00 -16.66 -19.91
CA PRO A 99 19.55 -17.52 -18.85
C PRO A 99 19.16 -17.03 -17.47
N PRO A 100 19.10 -17.93 -16.48
CA PRO A 100 18.74 -17.54 -15.12
C PRO A 100 19.88 -16.89 -14.34
N ALA A 101 19.52 -15.88 -13.53
CA ALA A 101 20.37 -15.34 -12.47
C ALA A 101 19.75 -15.62 -11.11
N THR A 102 20.58 -15.85 -10.10
CA THR A 102 20.08 -16.26 -8.79
C THR A 102 20.79 -15.52 -7.65
N ASN A 103 20.00 -15.14 -6.65
CA ASN A 103 20.49 -14.54 -5.41
C ASN A 103 19.49 -14.90 -4.31
N GLN A 104 19.88 -14.70 -3.06
CA GLN A 104 18.99 -15.09 -1.96
C GLN A 104 19.05 -14.11 -0.79
N PHE A 105 17.92 -14.01 -0.08
CA PHE A 105 17.71 -13.04 0.99
C PHE A 105 16.86 -13.68 2.08
N THR A 106 16.94 -13.13 3.29
CA THR A 106 16.29 -13.70 4.46
C THR A 106 15.32 -12.71 5.10
N THR A 107 14.10 -13.19 5.38
CA THR A 107 13.11 -12.40 6.10
C THR A 107 13.48 -12.24 7.57
N LYS A 108 13.04 -11.13 8.16
CA LYS A 108 13.24 -10.88 9.58
C LYS A 108 12.39 -11.81 10.42
N ILE A 109 12.83 -12.06 11.65
CA ILE A 109 12.02 -12.86 12.58
C ILE A 109 10.92 -11.99 13.15
N SER A 110 9.79 -12.61 13.48
CA SER A 110 8.70 -11.94 14.19
C SER A 110 8.58 -12.50 15.60
N ALA A 111 7.79 -11.81 16.42
CA ALA A 111 7.53 -12.27 17.77
C ALA A 111 6.69 -13.55 17.75
N PRO A 112 6.90 -14.45 18.72
CA PRO A 112 6.13 -15.69 18.77
C PRO A 112 4.63 -15.44 18.97
N SER A 113 3.85 -16.46 18.62
CA SER A 113 2.39 -16.35 18.60
C SER A 113 1.81 -16.54 20.01
N MET A 114 1.13 -15.51 20.50
CA MET A 114 0.61 -15.63 21.86
C MET A 114 -0.77 -16.29 21.85
N PRO A 115 -1.01 -17.22 22.77
CA PRO A 115 -2.37 -17.74 22.99
C PRO A 115 -3.35 -16.64 23.40
N ALA A 116 -4.63 -16.97 23.34
CA ALA A 116 -5.68 -16.00 23.63
C ALA A 116 -5.91 -15.87 25.12
N PRO A 122 -9.36 -16.90 35.17
CA PRO A 122 -8.40 -17.29 36.21
C PRO A 122 -8.88 -18.49 37.01
N LEU A 123 -7.95 -19.23 37.61
CA LEU A 123 -8.25 -20.50 38.27
C LEU A 123 -8.61 -20.40 39.75
N ASN A 124 -7.73 -19.81 40.56
CA ASN A 124 -7.98 -19.70 42.00
C ASN A 124 -7.22 -18.49 42.55
N GLN A 125 -7.97 -17.45 42.86
CA GLN A 125 -7.41 -16.21 43.39
C GLN A 125 -7.56 -16.23 44.90
N THR A 126 -6.48 -15.90 45.60
CA THR A 126 -6.46 -15.82 47.06
C THR A 126 -6.08 -14.40 47.46
N ASP A 127 -5.88 -14.18 48.76
CA ASP A 127 -5.45 -12.86 49.20
C ASP A 127 -4.08 -12.49 48.65
N ASN A 128 -3.17 -13.46 48.55
CA ASN A 128 -1.79 -13.15 48.20
C ASN A 128 -1.37 -13.69 46.83
N THR A 129 -2.21 -14.45 46.13
CA THR A 129 -1.79 -15.15 44.93
C THR A 129 -2.91 -15.19 43.89
N VAL A 130 -2.49 -15.43 42.64
CA VAL A 130 -3.37 -15.78 41.53
C VAL A 130 -2.71 -16.91 40.76
N THR A 131 -3.51 -17.87 40.31
CA THR A 131 -3.02 -18.97 39.48
C THR A 131 -3.77 -18.98 38.16
N VAL A 132 -3.02 -19.12 37.07
CA VAL A 132 -3.54 -19.06 35.71
C VAL A 132 -3.07 -20.30 34.95
N MET A 133 -3.80 -20.65 33.90
CA MET A 133 -3.41 -21.71 32.98
C MET A 133 -2.55 -21.10 31.87
N LEU A 134 -1.25 -21.37 31.91
CA LEU A 134 -0.33 -20.93 30.87
C LEU A 134 -0.42 -21.82 29.64
N LYS A 135 -0.44 -21.20 28.46
CA LYS A 135 -0.47 -21.92 27.21
C LYS A 135 0.80 -21.59 26.41
N PRO A 136 1.45 -22.58 25.81
CA PRO A 136 2.68 -22.31 25.06
C PRO A 136 2.45 -21.39 23.86
N ALA A 137 3.43 -20.52 23.61
CA ALA A 137 3.48 -19.74 22.40
C ALA A 137 4.17 -20.53 21.29
N HIS A 138 3.91 -20.13 20.06
CA HIS A 138 4.41 -20.84 18.89
C HIS A 138 5.40 -19.99 18.10
N SER A 139 6.47 -20.64 17.63
CA SER A 139 7.50 -19.97 16.86
C SER A 139 6.93 -19.41 15.57
N ARG A 140 7.33 -18.17 15.24
CA ARG A 140 7.03 -17.56 13.95
C ARG A 140 8.31 -16.88 13.43
N GLY A 141 9.26 -17.70 12.95
CA GLY A 141 10.51 -17.25 12.40
C GLY A 141 11.72 -17.59 13.24
N ALA A 142 11.52 -17.90 14.52
CA ALA A 142 12.60 -18.34 15.41
C ALA A 142 11.97 -19.08 16.57
N PRO A 143 12.71 -19.96 17.24
CA PRO A 143 12.15 -20.63 18.42
C PRO A 143 11.73 -19.62 19.48
N VAL A 144 10.83 -20.04 20.34
CA VAL A 144 10.63 -19.30 21.58
C VAL A 144 11.81 -19.62 22.49
N SER A 145 12.45 -18.59 23.02
CA SER A 145 13.63 -18.79 23.86
C SER A 145 13.27 -18.78 25.34
N VAL A 146 12.60 -17.72 25.80
CA VAL A 146 12.16 -17.64 27.18
C VAL A 146 10.74 -17.08 27.23
N TYR A 147 9.99 -17.53 28.22
CA TYR A 147 8.73 -16.92 28.61
C TYR A 147 8.98 -16.04 29.84
N GLN A 148 8.21 -14.97 29.97
CA GLN A 148 8.27 -14.14 31.15
C GLN A 148 6.88 -13.81 31.64
N ILE A 149 6.76 -13.66 32.96
CA ILE A 149 5.53 -13.27 33.61
C ILE A 149 5.73 -11.90 34.25
N VAL A 150 4.88 -10.94 33.89
CA VAL A 150 5.00 -9.56 34.31
C VAL A 150 3.82 -9.23 35.22
N VAL A 151 4.12 -8.66 36.38
CA VAL A 151 3.11 -8.23 37.35
C VAL A 151 3.13 -6.70 37.36
N GLU A 152 1.96 -6.09 37.14
CA GLU A 152 1.87 -4.64 37.01
C GLU A 152 0.89 -4.08 38.03
N GLU A 153 1.33 -3.10 38.81
CA GLU A 153 0.44 -2.37 39.69
C GLU A 153 -0.44 -1.43 38.90
N GLU A 154 -1.70 -1.30 39.31
CA GLU A 154 -2.63 -0.34 38.74
C GLU A 154 -2.35 1.08 39.23
N CYS A 168 4.55 -4.12 25.22
CA CYS A 168 5.00 -5.10 26.20
C CYS A 168 6.12 -4.56 27.07
N TYR A 169 6.88 -5.46 27.67
CA TYR A 169 7.86 -5.12 28.71
C TYR A 169 9.25 -5.58 28.31
N PRO A 170 9.98 -4.77 27.53
CA PRO A 170 11.33 -5.18 27.10
C PRO A 170 12.39 -5.04 28.19
N VAL A 171 12.15 -4.25 29.22
CA VAL A 171 13.13 -4.03 30.29
C VAL A 171 12.74 -4.94 31.46
N PRO A 172 13.50 -6.00 31.73
CA PRO A 172 13.21 -6.83 32.90
C PRO A 172 13.55 -6.11 34.19
N ILE A 173 12.73 -6.31 35.21
CA ILE A 173 12.96 -5.73 36.53
C ILE A 173 12.66 -6.77 37.61
N HIS A 174 13.58 -6.94 38.54
CA HIS A 174 13.36 -7.82 39.69
C HIS A 174 12.59 -7.07 40.77
N PHE A 175 11.76 -7.81 41.51
CA PHE A 175 10.92 -7.20 42.53
C PHE A 175 11.73 -6.41 43.55
N GLN A 176 12.88 -6.95 43.98
CA GLN A 176 13.69 -6.30 45.00
C GLN A 176 14.17 -4.91 44.58
N ASN A 177 14.24 -4.63 43.29
CA ASN A 177 14.70 -3.34 42.79
C ASN A 177 13.57 -2.44 42.31
N ALA A 178 12.32 -2.94 42.27
CA ALA A 178 11.24 -2.21 41.62
C ALA A 178 10.90 -0.91 42.33
N SER A 179 11.03 -0.85 43.65
CA SER A 179 10.70 0.37 44.37
C SER A 179 11.78 1.43 44.16
N LEU A 180 13.05 1.04 44.24
CA LEU A 180 14.14 1.99 44.00
C LEU A 180 14.13 2.50 42.58
N LEU A 181 13.92 1.62 41.61
CA LEU A 181 13.82 2.04 40.22
C LEU A 181 12.46 2.63 39.88
N ASN A 182 11.53 2.64 40.83
CA ASN A 182 10.23 3.30 40.70
C ASN A 182 9.46 2.81 39.48
N SER A 183 9.41 1.49 39.31
CA SER A 183 8.69 0.89 38.20
C SER A 183 7.32 0.41 38.65
N GLN A 184 6.33 0.57 37.78
CA GLN A 184 4.99 0.08 38.01
C GLN A 184 4.86 -1.43 37.86
N TYR A 185 5.90 -2.10 37.35
CA TYR A 185 5.84 -3.53 37.08
C TYR A 185 7.11 -4.21 37.57
N TYR A 186 7.03 -5.54 37.74
CA TYR A 186 8.20 -6.38 37.96
C TYR A 186 7.99 -7.70 37.23
N PHE A 187 9.10 -8.38 36.95
CA PHE A 187 9.08 -9.73 36.40
C PHE A 187 8.98 -10.73 37.55
N ALA A 188 7.88 -11.49 37.59
CA ALA A 188 7.70 -12.47 38.64
C ALA A 188 8.38 -13.80 38.34
N ALA A 189 8.51 -14.16 37.06
CA ALA A 189 9.13 -15.41 36.69
C ALA A 189 9.63 -15.33 35.25
N GLU A 190 10.65 -16.13 34.97
CA GLU A 190 11.13 -16.37 33.61
C GLU A 190 11.42 -17.85 33.45
N PHE A 191 11.02 -18.42 32.32
CA PHE A 191 11.31 -19.83 32.10
C PHE A 191 11.93 -20.03 30.72
N PRO A 192 12.84 -20.98 30.57
CA PRO A 192 13.20 -21.46 29.24
C PRO A 192 12.00 -22.15 28.63
N ALA A 193 11.90 -22.10 27.29
CA ALA A 193 10.73 -22.64 26.62
C ALA A 193 10.65 -24.16 26.63
N ASP A 194 11.71 -24.89 27.01
CA ASP A 194 11.52 -26.32 27.21
C ASP A 194 10.71 -26.61 28.47
N SER A 195 10.69 -25.70 29.43
CA SER A 195 9.58 -25.69 30.38
C SER A 195 8.39 -25.03 29.69
N LEU A 196 7.19 -25.46 30.08
CA LEU A 196 5.96 -25.09 29.38
C LEU A 196 6.08 -25.44 27.89
N GLN A 197 6.02 -26.75 27.63
CA GLN A 197 5.93 -27.31 26.29
C GLN A 197 4.55 -27.85 26.01
N ALA A 198 3.75 -27.99 27.06
CA ALA A 198 2.32 -28.19 26.98
C ALA A 198 1.70 -27.31 28.05
N ALA A 199 0.39 -27.11 27.96
CA ALA A 199 -0.28 -26.19 28.88
C ALA A 199 -0.12 -26.64 30.33
N GLN A 200 0.19 -25.69 31.21
CA GLN A 200 0.50 -25.96 32.61
C GLN A 200 -0.04 -24.82 33.47
N PRO A 201 -0.54 -25.14 34.67
CA PRO A 201 -0.92 -24.08 35.61
C PRO A 201 0.29 -23.43 36.27
N PHE A 202 0.16 -22.14 36.54
CA PHE A 202 1.21 -21.40 37.24
C PHE A 202 0.58 -20.42 38.23
N THR A 203 1.19 -20.31 39.40
CA THR A 203 0.69 -19.48 40.50
C THR A 203 1.53 -18.23 40.63
N ILE A 204 0.90 -17.07 40.41
CA ILE A 204 1.56 -15.80 40.68
C ILE A 204 1.64 -15.60 42.18
N GLY A 205 2.85 -15.41 42.69
CA GLY A 205 3.03 -15.21 44.12
C GLY A 205 3.39 -16.44 44.94
N ASP A 206 3.85 -17.52 44.32
CA ASP A 206 4.16 -18.74 45.06
C ASP A 206 5.46 -18.66 45.84
N ASN A 207 6.14 -17.50 45.83
CA ASN A 207 7.36 -17.21 46.59
C ASN A 207 8.59 -17.95 46.10
N LYS A 208 8.48 -18.74 45.04
CA LYS A 208 9.63 -19.44 44.48
C LYS A 208 10.41 -18.52 43.55
N THR A 209 11.65 -18.89 43.26
CA THR A 209 12.51 -18.13 42.37
C THR A 209 12.68 -18.85 41.04
N TYR A 210 12.39 -18.15 39.94
CA TYR A 210 12.46 -18.71 38.60
C TYR A 210 13.46 -17.91 37.77
N ASN A 211 14.54 -18.57 37.35
CA ASN A 211 15.60 -17.93 36.56
C ASN A 211 16.09 -16.63 37.21
N GLY A 212 16.18 -16.65 38.55
CA GLY A 212 16.66 -15.52 39.31
C GLY A 212 15.63 -14.45 39.60
N TYR A 213 14.39 -14.63 39.17
CA TYR A 213 13.29 -13.72 39.49
C TYR A 213 12.45 -14.29 40.62
N TRP A 214 12.23 -13.49 41.66
CA TRP A 214 11.47 -13.91 42.83
C TRP A 214 9.97 -13.71 42.57
N ASN A 215 9.21 -14.81 42.58
CA ASN A 215 7.77 -14.79 42.37
C ASN A 215 7.09 -14.32 43.66
N THR A 216 7.32 -13.04 43.95
CA THR A 216 6.92 -12.45 45.23
C THR A 216 5.42 -12.57 45.45
N PRO A 217 4.98 -12.87 46.68
CA PRO A 217 3.55 -12.83 46.97
C PRO A 217 2.96 -11.46 46.72
N LEU A 218 1.79 -11.46 46.08
CA LEU A 218 1.08 -10.23 45.80
C LEU A 218 0.53 -9.63 47.09
N LEU A 219 0.45 -8.31 47.12
CA LEU A 219 -0.05 -7.67 48.33
C LEU A 219 -1.57 -7.66 48.30
N PRO A 220 -2.23 -8.05 49.40
CA PRO A 220 -3.68 -8.25 49.36
C PRO A 220 -4.49 -6.98 49.22
N TYR A 221 -3.91 -5.82 49.54
CA TYR A 221 -4.60 -4.54 49.40
C TYR A 221 -4.30 -3.83 48.07
N LYS A 222 -3.36 -4.34 47.29
CA LYS A 222 -3.03 -3.77 45.98
C LYS A 222 -3.84 -4.44 44.87
N SER A 223 -4.05 -3.69 43.80
CA SER A 223 -4.67 -4.21 42.58
C SER A 223 -3.62 -4.39 41.50
N TYR A 224 -3.65 -5.53 40.82
CA TYR A 224 -2.65 -5.92 39.83
C TYR A 224 -3.31 -6.40 38.55
N ARG A 225 -2.64 -6.20 37.42
CA ARG A 225 -2.90 -6.96 36.20
C ARG A 225 -1.63 -7.72 35.82
N ILE A 226 -1.81 -8.95 35.34
CA ILE A 226 -0.71 -9.89 35.14
C ILE A 226 -0.64 -10.26 33.66
N TYR A 227 0.58 -10.26 33.11
CA TYR A 227 0.81 -10.53 31.70
C TYR A 227 1.73 -11.73 31.50
N PHE A 228 1.47 -12.48 30.42
CA PHE A 228 2.29 -13.59 29.97
C PHE A 228 3.02 -13.17 28.70
N GLN A 229 4.36 -13.26 28.72
CA GLN A 229 5.20 -12.69 27.67
C GLN A 229 6.16 -13.74 27.11
N ALA A 230 6.42 -13.67 25.81
CA ALA A 230 7.29 -14.63 25.12
C ALA A 230 8.25 -13.92 24.18
N ALA A 231 9.48 -14.43 24.08
CA ALA A 231 10.54 -13.81 23.30
C ALA A 231 11.19 -14.81 22.34
N SER A 232 11.62 -14.30 21.18
CA SER A 232 12.43 -15.04 20.22
C SER A 232 13.74 -14.30 19.96
N ARG A 233 14.87 -15.01 20.12
CA ARG A 233 16.16 -14.52 19.65
C ARG A 233 16.63 -15.37 18.46
N ALA A 234 17.06 -14.70 17.39
CA ALA A 234 17.82 -15.32 16.33
C ALA A 234 18.47 -14.22 15.51
N ASN A 235 19.57 -14.57 14.84
CA ASN A 235 20.25 -13.69 13.89
C ASN A 235 20.63 -12.35 14.50
N GLY A 236 20.76 -12.29 15.83
CA GLY A 236 21.07 -11.07 16.54
C GLY A 236 19.90 -10.16 16.87
N GLU A 237 18.73 -10.37 16.28
CA GLU A 237 17.54 -9.60 16.65
C GLU A 237 16.73 -10.35 17.70
N THR A 238 15.97 -9.60 18.49
CA THR A 238 15.14 -10.14 19.55
C THR A 238 13.75 -9.52 19.45
N LYS A 239 12.72 -10.35 19.44
CA LYS A 239 11.35 -9.89 19.27
C LYS A 239 10.48 -10.50 20.36
N ILE A 240 9.61 -9.68 20.95
CA ILE A 240 8.80 -10.10 22.08
C ILE A 240 7.33 -9.72 21.85
N ASP A 241 6.43 -10.53 22.39
CA ASP A 241 5.00 -10.24 22.45
C ASP A 241 4.46 -10.72 23.79
N CYS A 242 3.28 -10.22 24.15
CA CYS A 242 2.72 -10.51 25.47
C CYS A 242 1.20 -10.45 25.40
N VAL A 243 0.57 -11.12 26.36
CA VAL A 243 -0.89 -11.12 26.49
C VAL A 243 -1.26 -11.04 27.97
N GLN A 244 -2.30 -10.28 28.28
CA GLN A 244 -2.81 -10.19 29.64
C GLN A 244 -3.59 -11.45 30.02
N VAL A 245 -3.26 -12.02 31.17
CA VAL A 245 -3.86 -13.28 31.60
C VAL A 245 -4.78 -13.15 32.80
N ALA A 246 -4.61 -12.13 33.64
CA ALA A 246 -5.44 -12.01 34.83
C ALA A 246 -5.42 -10.59 35.37
N THR A 247 -6.41 -10.30 36.23
CA THR A 247 -6.42 -9.12 37.09
C THR A 247 -6.70 -9.56 38.52
N LYS A 248 -6.14 -8.83 39.48
CA LYS A 248 -6.43 -9.05 40.89
C LYS A 248 -6.71 -7.71 41.55
N GLY A 249 -7.75 -7.66 42.37
CA GLY A 249 -8.09 -6.46 43.11
C GLY A 249 -7.54 -6.42 44.51
N LEU B 7 -5.76 42.99 -46.53
CA LEU B 7 -5.78 42.17 -45.33
C LEU B 7 -6.86 41.09 -45.39
N PRO B 8 -6.58 39.96 -44.75
CA PRO B 8 -7.57 38.88 -44.72
C PRO B 8 -8.68 39.15 -43.73
N GLY B 9 -9.77 38.40 -43.90
CA GLY B 9 -10.91 38.50 -43.01
C GLY B 9 -10.69 37.72 -41.73
N ALA B 10 -11.74 37.68 -40.93
CA ALA B 10 -11.72 36.85 -39.72
C ALA B 10 -11.87 35.38 -40.07
N VAL B 11 -11.33 34.53 -39.20
CA VAL B 11 -11.75 33.13 -39.20
C VAL B 11 -13.20 33.06 -38.76
N PRO B 12 -14.07 32.32 -39.45
CA PRO B 12 -15.47 32.23 -39.01
C PRO B 12 -15.55 31.67 -37.60
N THR B 13 -16.18 32.44 -36.71
CA THR B 13 -16.16 32.12 -35.29
C THR B 13 -16.77 30.74 -35.04
N GLU B 14 -17.80 30.38 -35.80
CA GLU B 14 -18.45 29.09 -35.62
C GLU B 14 -17.68 27.94 -36.25
N SER B 15 -16.64 28.23 -37.06
CA SER B 15 -15.78 27.19 -37.60
C SER B 15 -14.75 26.69 -36.59
N ILE B 16 -14.41 27.48 -35.57
CA ILE B 16 -13.41 27.07 -34.60
C ILE B 16 -13.97 25.92 -33.77
N GLN B 17 -13.32 24.76 -33.86
CA GLN B 17 -13.77 23.55 -33.19
C GLN B 17 -12.61 22.92 -32.43
N GLY B 18 -12.92 22.41 -31.24
CA GLY B 18 -11.93 21.73 -30.43
C GLY B 18 -12.33 20.31 -30.14
N SER B 19 -11.37 19.40 -30.33
CA SER B 19 -11.48 18.04 -29.81
C SER B 19 -10.59 17.93 -28.58
N THR B 20 -11.19 17.60 -27.44
CA THR B 20 -10.50 17.82 -26.18
C THR B 20 -10.16 16.50 -25.51
N PHE B 21 -9.02 16.51 -24.82
CA PHE B 21 -8.51 15.36 -24.09
C PHE B 21 -8.16 15.81 -22.68
N GLU B 22 -7.50 14.95 -21.89
CA GLU B 22 -7.13 15.35 -20.54
C GLU B 22 -6.02 16.40 -20.54
N GLU B 23 -5.01 16.21 -21.39
CA GLU B 23 -3.84 17.09 -21.36
C GLU B 23 -3.52 17.70 -22.71
N LYS B 24 -4.44 17.62 -23.67
CA LYS B 24 -4.23 18.24 -24.98
C LYS B 24 -5.58 18.68 -25.55
N ILE B 25 -5.52 19.64 -26.46
CA ILE B 25 -6.68 20.05 -27.26
C ILE B 25 -6.26 20.13 -28.72
N PHE B 26 -7.02 19.46 -29.60
CA PHE B 26 -6.85 19.59 -31.04
C PHE B 26 -7.76 20.68 -31.56
N LEU B 27 -7.18 21.77 -32.06
CA LEU B 27 -7.93 22.93 -32.52
C LEU B 27 -8.02 22.94 -34.04
N GLN B 28 -9.20 23.28 -34.54
CA GLN B 28 -9.55 23.12 -35.94
C GLN B 28 -10.42 24.30 -36.36
N TRP B 29 -10.15 24.87 -37.53
CA TRP B 29 -10.89 26.05 -37.97
C TRP B 29 -11.03 26.04 -39.50
N ARG B 30 -11.71 27.07 -40.01
CA ARG B 30 -11.83 27.30 -41.46
C ARG B 30 -11.14 28.61 -41.85
N GLU B 31 -10.66 28.66 -43.11
CA GLU B 31 -9.96 29.83 -43.62
C GLU B 31 -10.91 31.03 -43.73
N PRO B 32 -10.37 32.25 -43.72
CA PRO B 32 -11.23 33.44 -43.85
C PRO B 32 -11.97 33.45 -45.18
N THR B 33 -13.26 33.75 -45.11
CA THR B 33 -14.11 33.66 -46.31
C THR B 33 -13.65 34.60 -47.40
N GLN B 34 -13.31 35.84 -47.05
CA GLN B 34 -12.63 36.73 -47.98
C GLN B 34 -11.18 36.83 -47.56
N THR B 35 -10.30 36.44 -48.47
CA THR B 35 -8.85 36.56 -48.31
C THR B 35 -8.30 37.27 -49.52
N TYR B 36 -7.54 38.34 -49.30
CA TYR B 36 -6.72 38.92 -50.35
C TYR B 36 -5.31 38.35 -50.22
N GLY B 37 -4.78 37.82 -51.32
CA GLY B 37 -3.53 37.09 -51.29
C GLY B 37 -3.68 35.69 -50.71
N VAL B 38 -2.57 35.16 -50.19
CA VAL B 38 -2.53 33.83 -49.61
C VAL B 38 -2.06 33.91 -48.16
N ILE B 39 -2.62 33.03 -47.33
CA ILE B 39 -2.36 33.05 -45.89
C ILE B 39 -0.92 32.59 -45.62
N THR B 40 -0.17 33.43 -44.91
CA THR B 40 1.21 33.09 -44.55
C THR B 40 1.25 32.22 -43.31
N LEU B 41 0.42 32.54 -42.32
CA LEU B 41 0.36 31.80 -41.07
C LEU B 41 -0.94 32.15 -40.36
N TYR B 42 -1.32 31.32 -39.40
CA TYR B 42 -2.32 31.68 -38.40
C TYR B 42 -1.63 31.85 -37.05
N GLU B 43 -2.03 32.88 -36.32
CA GLU B 43 -1.56 33.11 -34.96
C GLU B 43 -2.68 32.80 -33.97
N ILE B 44 -2.39 31.93 -33.00
CA ILE B 44 -3.35 31.57 -31.96
C ILE B 44 -2.74 31.93 -30.61
N THR B 45 -3.40 32.82 -29.88
CA THR B 45 -3.13 33.03 -28.46
C THR B 45 -4.13 32.21 -27.65
N TYR B 46 -3.63 31.49 -26.64
CA TYR B 46 -4.47 30.71 -25.75
C TYR B 46 -4.27 31.14 -24.30
N LYS B 47 -5.32 30.97 -23.50
CA LYS B 47 -5.32 31.44 -22.11
C LYS B 47 -6.31 30.61 -21.32
N ALA B 48 -5.84 29.98 -20.24
CA ALA B 48 -6.72 29.26 -19.33
C ALA B 48 -7.57 30.27 -18.57
N VAL B 49 -8.90 30.11 -18.66
CA VAL B 49 -9.82 31.08 -18.08
C VAL B 49 -10.42 30.56 -16.78
N SER B 50 -10.65 29.26 -16.69
CA SER B 50 -11.23 28.67 -15.48
C SER B 50 -10.91 27.18 -15.45
N SER B 51 -11.17 26.57 -14.30
CA SER B 51 -11.00 25.14 -14.13
C SER B 51 -11.97 24.62 -13.09
N PHE B 52 -12.35 23.35 -13.22
CA PHE B 52 -13.04 22.67 -12.14
C PHE B 52 -12.09 22.33 -11.00
N ASP B 53 -10.80 22.31 -11.26
CA ASP B 53 -9.81 22.01 -10.23
C ASP B 53 -9.70 23.20 -9.27
N PRO B 54 -9.97 23.02 -7.98
CA PRO B 54 -9.90 24.15 -7.04
C PRO B 54 -8.51 24.55 -6.61
N GLU B 55 -7.50 23.69 -6.77
CA GLU B 55 -6.19 23.92 -6.18
C GLU B 55 -5.09 24.19 -7.19
N ILE B 56 -5.38 24.23 -8.49
CA ILE B 56 -4.39 24.46 -9.54
C ILE B 56 -4.21 25.97 -9.74
N ASP B 57 -3.00 26.45 -10.02
CA ASP B 57 -2.82 27.83 -10.45
C ASP B 57 -2.58 27.83 -11.95
N LEU B 58 -3.41 28.58 -12.67
CA LEU B 58 -3.40 28.69 -14.11
C LEU B 58 -2.54 29.85 -14.62
N SER B 59 -1.84 30.55 -13.72
CA SER B 59 -1.26 31.86 -14.02
C SER B 59 -0.24 31.86 -15.15
N ASN B 60 0.33 30.71 -15.54
CA ASN B 60 1.19 30.70 -16.72
C ASN B 60 0.66 29.76 -17.80
N GLN B 61 -0.57 29.26 -17.65
CA GLN B 61 -1.17 28.43 -18.68
C GLN B 61 -1.77 29.30 -19.79
N SER B 62 -0.87 30.04 -20.45
CA SER B 62 -1.20 30.95 -21.53
C SER B 62 -0.05 30.91 -22.53
N GLY B 63 -0.29 31.41 -23.74
CA GLY B 63 0.79 31.45 -24.70
C GLY B 63 0.32 31.92 -26.06
N ARG B 64 1.28 31.89 -27.00
CA ARG B 64 1.08 32.31 -28.38
C ARG B 64 1.84 31.38 -29.31
N VAL B 65 1.17 30.92 -30.36
CA VAL B 65 1.77 30.11 -31.40
C VAL B 65 1.45 30.69 -32.77
N SER B 66 2.42 30.64 -33.68
CA SER B 66 2.20 30.87 -35.10
C SER B 66 2.33 29.54 -35.83
N LYS B 67 1.40 29.28 -36.75
CA LYS B 67 1.29 27.98 -37.39
C LYS B 67 2.38 27.72 -38.44
N LEU B 68 2.96 28.77 -39.02
CA LEU B 68 3.98 28.64 -40.07
C LEU B 68 3.44 27.86 -41.27
N GLY B 69 2.17 28.08 -41.58
CA GLY B 69 1.51 27.39 -42.67
C GLY B 69 0.05 27.79 -42.67
N ASN B 70 -0.69 27.25 -43.65
CA ASN B 70 -2.10 27.62 -43.77
C ASN B 70 -3.03 26.42 -43.60
N GLU B 71 -2.54 25.33 -43.03
CA GLU B 71 -3.44 24.26 -42.60
C GLU B 71 -4.19 24.73 -41.36
N THR B 72 -5.50 24.50 -41.36
CA THR B 72 -6.37 25.11 -40.37
C THR B 72 -6.54 24.25 -39.13
N HIS B 73 -5.44 23.74 -38.59
CA HIS B 73 -5.49 23.01 -37.33
C HIS B 73 -4.13 23.07 -36.64
N PHE B 74 -4.16 22.88 -35.32
CA PHE B 74 -2.96 22.76 -34.50
C PHE B 74 -3.32 21.95 -33.27
N LEU B 75 -2.40 21.09 -32.83
CA LEU B 75 -2.60 20.28 -31.63
C LEU B 75 -1.90 20.95 -30.45
N PHE B 76 -2.68 21.35 -29.45
CA PHE B 76 -2.12 21.95 -28.24
C PHE B 76 -1.86 20.83 -27.25
N PHE B 77 -0.58 20.50 -27.07
CA PHE B 77 -0.14 19.57 -26.05
C PHE B 77 0.22 20.33 -24.77
N GLY B 78 0.41 19.58 -23.69
CA GLY B 78 0.89 20.16 -22.46
C GLY B 78 -0.12 21.01 -21.72
N LEU B 79 -1.41 20.74 -21.89
CA LEU B 79 -2.47 21.40 -21.14
C LEU B 79 -2.78 20.65 -19.84
N TYR B 80 -3.55 21.32 -18.95
CA TYR B 80 -4.01 20.79 -17.66
C TYR B 80 -5.45 20.31 -17.76
N PRO B 81 -5.78 19.22 -17.06
CA PRO B 81 -7.13 18.66 -17.14
C PRO B 81 -8.19 19.59 -16.55
N GLY B 82 -9.44 19.33 -16.93
CA GLY B 82 -10.59 20.00 -16.37
C GLY B 82 -10.60 21.51 -16.51
N THR B 83 -9.88 22.04 -17.50
CA THR B 83 -9.57 23.46 -17.55
C THR B 83 -10.04 24.05 -18.88
N THR B 84 -10.74 25.17 -18.80
CA THR B 84 -11.26 25.86 -19.98
C THR B 84 -10.20 26.80 -20.54
N TYR B 85 -9.83 26.60 -21.79
CA TYR B 85 -8.89 27.46 -22.49
C TYR B 85 -9.62 28.31 -23.51
N SER B 86 -9.39 29.63 -23.46
CA SER B 86 -9.85 30.53 -24.50
C SER B 86 -8.80 30.63 -25.60
N PHE B 87 -9.23 30.46 -26.84
CA PHE B 87 -8.35 30.54 -28.00
C PHE B 87 -8.79 31.69 -28.90
N THR B 88 -7.84 32.54 -29.28
CA THR B 88 -8.07 33.63 -30.21
C THR B 88 -7.18 33.44 -31.44
N ILE B 89 -7.79 33.42 -32.62
CA ILE B 89 -7.10 33.15 -33.87
C ILE B 89 -7.09 34.40 -34.73
N ARG B 90 -5.93 34.75 -35.27
CA ARG B 90 -5.82 35.75 -36.32
C ARG B 90 -5.13 35.12 -37.53
N ALA B 91 -5.68 35.37 -38.72
CA ALA B 91 -5.04 34.98 -39.96
C ALA B 91 -4.13 36.09 -40.49
N SER B 92 -3.02 35.69 -41.08
CA SER B 92 -2.08 36.63 -41.67
C SER B 92 -1.84 36.32 -43.14
N THR B 93 -2.10 37.30 -43.99
CA THR B 93 -1.44 37.36 -45.29
C THR B 93 -0.03 37.92 -45.06
N ALA B 94 0.84 37.77 -46.06
CA ALA B 94 2.15 38.40 -45.99
C ALA B 94 2.03 39.90 -45.77
N LYS B 95 0.87 40.47 -46.09
CA LYS B 95 0.64 41.86 -45.78
C LYS B 95 0.29 42.07 -44.30
N GLY B 96 -0.18 41.06 -43.59
CA GLY B 96 -0.41 41.24 -42.17
C GLY B 96 -1.65 40.53 -41.67
N PHE B 97 -1.95 40.77 -40.39
CA PHE B 97 -2.97 40.01 -39.67
C PHE B 97 -4.37 40.54 -39.94
N GLY B 98 -5.34 39.62 -39.94
CA GLY B 98 -6.75 39.96 -39.98
C GLY B 98 -7.40 40.15 -38.62
N PRO B 99 -8.72 40.33 -38.61
CA PRO B 99 -9.42 40.56 -37.35
C PRO B 99 -9.41 39.31 -36.50
N PRO B 100 -9.53 39.44 -35.17
CA PRO B 100 -9.50 38.26 -34.29
C PRO B 100 -10.82 37.51 -34.28
N ALA B 101 -10.71 36.19 -34.28
CA ALA B 101 -11.80 35.29 -33.92
C ALA B 101 -11.42 34.52 -32.67
N THR B 102 -12.40 34.29 -31.79
CA THR B 102 -12.11 33.64 -30.52
C THR B 102 -13.21 32.68 -30.11
N ASN B 103 -12.81 31.55 -29.51
CA ASN B 103 -13.70 30.56 -28.94
C ASN B 103 -12.96 29.87 -27.80
N GLN B 104 -13.68 29.08 -27.00
CA GLN B 104 -13.07 28.42 -25.86
C GLN B 104 -13.58 26.99 -25.69
N PHE B 105 -12.70 26.14 -25.13
CA PHE B 105 -12.93 24.72 -24.98
C PHE B 105 -12.31 24.24 -23.67
N THR B 106 -12.79 23.11 -23.17
CA THR B 106 -12.40 22.59 -21.86
C THR B 106 -11.80 21.19 -21.99
N THR B 107 -10.64 20.98 -21.36
CA THR B 107 -10.04 19.66 -21.28
C THR B 107 -10.84 18.74 -20.37
N LYS B 108 -10.83 17.45 -20.70
CA LYS B 108 -11.50 16.46 -19.86
C LYS B 108 -10.72 16.25 -18.56
N ILE B 109 -11.43 15.81 -17.52
CA ILE B 109 -10.79 15.52 -16.23
C ILE B 109 -10.10 14.17 -16.28
N SER B 110 -9.05 14.04 -15.47
CA SER B 110 -8.35 12.79 -15.22
C SER B 110 -8.62 12.32 -13.79
N ALA B 111 -8.21 11.07 -13.53
CA ALA B 111 -8.37 10.51 -12.20
C ALA B 111 -7.46 11.23 -11.21
N PRO B 112 -7.89 11.36 -9.95
CA PRO B 112 -7.06 12.05 -8.95
C PRO B 112 -5.73 11.34 -8.73
N SER B 113 -4.74 12.12 -8.30
CA SER B 113 -3.38 11.63 -8.09
C SER B 113 -3.28 11.00 -6.71
N MET B 114 -2.92 9.71 -6.66
CA MET B 114 -2.89 8.91 -5.44
C MET B 114 -1.58 9.11 -4.69
N PRO B 115 -1.63 9.18 -3.35
CA PRO B 115 -0.40 9.09 -2.56
C PRO B 115 0.32 7.76 -2.76
N ALA B 116 1.62 7.77 -2.47
CA ALA B 116 2.45 6.58 -2.62
C ALA B 116 2.47 5.76 -1.33
N TYR B 117 2.41 4.44 -1.49
CA TYR B 117 2.57 3.56 -0.34
C TYR B 117 3.75 2.62 -0.57
N GLU B 118 4.93 3.21 -0.65
CA GLU B 118 6.12 2.50 -1.13
C GLU B 118 6.56 1.47 -0.10
N LEU B 119 6.64 0.21 -0.55
CA LEU B 119 7.02 -0.96 0.24
C LEU B 119 5.93 -1.37 1.22
N GLU B 120 4.92 -0.52 1.41
CA GLU B 120 3.61 -0.94 1.92
C GLU B 120 3.66 -1.54 3.32
N THR B 121 3.77 -0.69 4.34
CA THR B 121 3.86 -1.18 5.72
C THR B 121 2.75 -0.58 6.57
N PRO B 122 1.98 -1.40 7.28
CA PRO B 122 0.90 -0.90 8.13
C PRO B 122 1.41 -0.24 9.39
N LEU B 123 0.48 0.44 10.08
CA LEU B 123 0.78 1.00 11.40
C LEU B 123 0.69 -0.09 12.45
N ASN B 124 -0.41 -0.87 12.45
CA ASN B 124 -0.49 -2.06 13.27
C ASN B 124 -1.42 -3.05 12.59
N GLN B 125 -1.55 -4.23 13.19
CA GLN B 125 -2.33 -5.32 12.62
C GLN B 125 -2.74 -6.28 13.73
N THR B 126 -3.99 -6.73 13.70
CA THR B 126 -4.47 -7.78 14.59
C THR B 126 -4.97 -8.96 13.76
N ASP B 127 -5.54 -9.94 14.46
CA ASP B 127 -6.11 -11.10 13.77
C ASP B 127 -7.28 -10.71 12.87
N ASN B 128 -8.06 -9.71 13.28
CA ASN B 128 -9.24 -9.29 12.53
C ASN B 128 -9.11 -7.92 11.88
N THR B 129 -8.00 -7.20 12.04
CA THR B 129 -7.92 -5.83 11.58
C THR B 129 -6.54 -5.51 11.02
N VAL B 130 -6.50 -4.45 10.20
CA VAL B 130 -5.28 -3.79 9.73
C VAL B 130 -5.48 -2.30 9.87
N THR B 131 -4.44 -1.58 10.27
CA THR B 131 -4.49 -0.13 10.38
C THR B 131 -3.45 0.50 9.46
N VAL B 132 -3.89 1.48 8.67
CA VAL B 132 -3.05 2.14 7.68
C VAL B 132 -3.18 3.65 7.87
N MET B 133 -2.15 4.37 7.40
CA MET B 133 -2.18 5.83 7.37
C MET B 133 -2.78 6.24 6.03
N LEU B 134 -4.04 6.67 6.04
CA LEU B 134 -4.64 7.21 4.82
C LEU B 134 -4.22 8.66 4.62
N LYS B 135 -3.84 8.98 3.38
CA LYS B 135 -3.42 10.29 2.94
C LYS B 135 -4.35 10.80 1.85
N PRO B 136 -4.70 12.09 1.87
CA PRO B 136 -5.57 12.63 0.81
C PRO B 136 -4.92 12.51 -0.57
N ALA B 137 -5.75 12.21 -1.56
CA ALA B 137 -5.36 12.28 -2.96
C ALA B 137 -5.51 13.70 -3.48
N HIS B 138 -4.84 13.98 -4.60
CA HIS B 138 -4.81 15.33 -5.15
C HIS B 138 -5.57 15.43 -6.46
N SER B 139 -6.31 16.53 -6.60
CA SER B 139 -7.11 16.79 -7.78
C SER B 139 -6.25 16.92 -9.02
N ARG B 140 -6.72 16.33 -10.13
CA ARG B 140 -6.15 16.54 -11.46
C ARG B 140 -7.29 16.85 -12.44
N GLY B 141 -7.81 18.07 -12.34
CA GLY B 141 -8.87 18.55 -13.20
C GLY B 141 -10.22 18.69 -12.53
N ALA B 142 -10.41 18.05 -11.37
CA ALA B 142 -11.64 18.16 -10.61
C ALA B 142 -11.35 17.78 -9.17
N PRO B 143 -12.12 18.28 -8.21
CA PRO B 143 -11.93 17.85 -6.81
C PRO B 143 -12.11 16.36 -6.65
N VAL B 144 -11.56 15.84 -5.55
CA VAL B 144 -11.89 14.50 -5.10
C VAL B 144 -13.29 14.50 -4.51
N SER B 145 -14.10 13.52 -4.93
CA SER B 145 -15.48 13.42 -4.48
C SER B 145 -15.65 12.45 -3.32
N VAL B 146 -15.19 11.20 -3.46
CA VAL B 146 -15.26 10.21 -2.40
C VAL B 146 -13.97 9.40 -2.37
N TYR B 147 -13.61 8.94 -1.18
CA TYR B 147 -12.61 7.90 -1.01
C TYR B 147 -13.31 6.57 -0.70
N GLN B 148 -12.68 5.48 -1.12
CA GLN B 148 -13.18 4.13 -0.82
C GLN B 148 -12.03 3.24 -0.38
N ILE B 149 -12.37 2.27 0.49
CA ILE B 149 -11.44 1.24 0.91
C ILE B 149 -11.98 -0.09 0.38
N VAL B 150 -11.18 -0.79 -0.41
CA VAL B 150 -11.59 -2.03 -1.06
C VAL B 150 -10.78 -3.18 -0.48
N VAL B 151 -11.48 -4.23 -0.05
CA VAL B 151 -10.85 -5.43 0.50
C VAL B 151 -11.09 -6.59 -0.45
N GLU B 152 -10.03 -7.22 -0.91
CA GLU B 152 -10.11 -8.35 -1.83
C GLU B 152 -9.37 -9.55 -1.27
N GLU B 153 -10.03 -10.71 -1.27
CA GLU B 153 -9.40 -11.95 -0.87
C GLU B 153 -8.36 -12.38 -1.90
N GLU B 154 -7.20 -12.82 -1.43
CA GLU B 154 -6.21 -13.42 -2.31
C GLU B 154 -6.07 -14.88 -1.90
N ARG B 155 -6.46 -15.79 -2.78
CA ARG B 155 -6.17 -17.19 -2.56
C ARG B 155 -4.68 -17.41 -2.77
N PRO B 156 -4.07 -18.22 -1.96
CA PRO B 156 -2.62 -18.33 -2.04
C PRO B 156 -2.23 -19.26 -3.18
N ARG B 157 -1.81 -18.69 -4.30
CA ARG B 157 -1.46 -19.48 -5.47
C ARG B 157 0.07 -19.50 -5.61
N ARG B 158 0.61 -20.66 -5.97
CA ARG B 158 2.07 -20.83 -6.03
C ARG B 158 2.63 -20.63 -7.43
N THR B 159 1.82 -20.23 -8.40
CA THR B 159 2.32 -19.72 -9.68
C THR B 159 1.39 -18.60 -10.09
N LYS B 160 1.98 -17.47 -10.47
CA LYS B 160 1.25 -16.21 -10.49
C LYS B 160 1.71 -15.35 -11.65
N LYS B 161 0.78 -14.55 -12.18
CA LYS B 161 1.08 -13.55 -13.19
C LYS B 161 0.47 -12.23 -12.75
N THR B 162 1.11 -11.13 -13.12
CA THR B 162 0.69 -9.83 -12.63
C THR B 162 1.00 -8.74 -13.66
N THR B 163 0.04 -7.85 -13.86
CA THR B 163 0.17 -6.80 -14.86
C THR B 163 0.99 -5.63 -14.31
N GLU B 164 1.39 -4.75 -15.22
CA GLU B 164 1.94 -3.46 -14.80
C GLU B 164 0.81 -2.53 -14.37
N ILE B 165 -0.15 -2.31 -15.26
CA ILE B 165 -1.27 -1.42 -14.96
C ILE B 165 -2.17 -2.09 -13.92
N LEU B 166 -2.19 -1.52 -12.72
CA LEU B 166 -3.19 -1.89 -11.73
C LEU B 166 -4.51 -1.21 -12.10
N LYS B 167 -5.57 -1.99 -12.21
CA LYS B 167 -6.89 -1.46 -12.51
C LYS B 167 -7.78 -1.59 -11.28
N CYS B 168 -8.72 -0.67 -11.15
CA CYS B 168 -9.38 -0.40 -9.89
C CYS B 168 -10.77 -1.05 -9.85
N TYR B 169 -11.63 -0.58 -8.96
CA TYR B 169 -12.92 -1.21 -8.66
C TYR B 169 -14.04 -0.21 -8.87
N PRO B 170 -14.55 -0.08 -10.11
CA PRO B 170 -15.63 0.89 -10.35
C PRO B 170 -17.00 0.44 -9.87
N VAL B 171 -17.22 -0.86 -9.64
CA VAL B 171 -18.51 -1.37 -9.21
C VAL B 171 -18.45 -1.59 -7.70
N PRO B 172 -19.16 -0.79 -6.90
CA PRO B 172 -19.18 -1.04 -5.45
C PRO B 172 -19.97 -2.28 -5.09
N ILE B 173 -19.50 -3.00 -4.07
CA ILE B 173 -20.18 -4.18 -3.55
C ILE B 173 -20.11 -4.16 -2.02
N HIS B 174 -21.25 -4.36 -1.37
CA HIS B 174 -21.31 -4.46 0.08
C HIS B 174 -21.00 -5.88 0.53
N PHE B 175 -20.38 -5.99 1.70
CA PHE B 175 -19.96 -7.30 2.22
C PHE B 175 -21.13 -8.28 2.31
N GLN B 176 -22.29 -7.81 2.76
CA GLN B 176 -23.44 -8.69 2.92
C GLN B 176 -23.84 -9.35 1.60
N ASN B 177 -23.51 -8.73 0.47
CA ASN B 177 -23.83 -9.25 -0.85
C ASN B 177 -22.64 -9.87 -1.56
N ALA B 178 -21.44 -9.79 -0.99
CA ALA B 178 -20.23 -10.16 -1.72
C ALA B 178 -20.19 -11.64 -2.05
N SER B 179 -20.69 -12.49 -1.14
CA SER B 179 -20.75 -13.91 -1.44
C SER B 179 -21.88 -14.24 -2.40
N LEU B 180 -23.04 -13.58 -2.21
CA LEU B 180 -24.19 -13.80 -3.08
C LEU B 180 -23.87 -13.41 -4.52
N LEU B 181 -23.21 -12.27 -4.71
CA LEU B 181 -22.76 -11.84 -6.03
C LEU B 181 -21.49 -12.55 -6.49
N ASN B 182 -20.94 -13.45 -5.68
CA ASN B 182 -19.77 -14.26 -6.06
C ASN B 182 -18.59 -13.36 -6.43
N SER B 183 -18.34 -12.35 -5.59
CA SER B 183 -17.28 -11.37 -5.79
C SER B 183 -16.06 -11.69 -4.93
N GLN B 184 -14.88 -11.50 -5.52
CA GLN B 184 -13.63 -11.62 -4.75
C GLN B 184 -13.36 -10.41 -3.86
N TYR B 185 -14.11 -9.32 -4.02
CA TYR B 185 -13.83 -8.09 -3.30
C TYR B 185 -15.11 -7.50 -2.73
N TYR B 186 -14.94 -6.62 -1.74
CA TYR B 186 -16.05 -5.80 -1.25
C TYR B 186 -15.51 -4.42 -0.88
N PHE B 187 -16.42 -3.44 -0.84
CA PHE B 187 -16.12 -2.11 -0.34
C PHE B 187 -16.31 -2.11 1.17
N ALA B 188 -15.22 -1.87 1.91
CA ALA B 188 -15.31 -1.86 3.36
C ALA B 188 -15.72 -0.51 3.92
N ALA B 189 -15.41 0.58 3.24
CA ALA B 189 -15.77 1.92 3.71
C ALA B 189 -15.76 2.90 2.55
N GLU B 190 -16.58 3.95 2.69
CA GLU B 190 -16.56 5.09 1.79
C GLU B 190 -16.74 6.36 2.62
N PHE B 191 -15.92 7.39 2.34
CA PHE B 191 -16.04 8.66 3.04
C PHE B 191 -15.98 9.80 2.04
N PRO B 192 -16.65 10.91 2.33
CA PRO B 192 -16.45 12.14 1.55
C PRO B 192 -15.04 12.70 1.68
N ALA B 193 -14.61 13.44 0.65
CA ALA B 193 -13.29 14.03 0.64
C ALA B 193 -13.16 15.17 1.65
N ASP B 194 -14.28 15.65 2.20
CA ASP B 194 -14.26 16.58 3.31
C ASP B 194 -13.82 15.90 4.61
N SER B 195 -13.96 14.57 4.69
CA SER B 195 -13.50 13.82 5.85
C SER B 195 -11.98 13.67 5.93
N LEU B 196 -11.28 13.69 4.80
CA LEU B 196 -9.86 13.31 4.72
C LEU B 196 -9.05 14.40 4.04
N GLN B 197 -8.67 15.44 4.80
CA GLN B 197 -7.86 16.52 4.27
C GLN B 197 -6.42 16.54 4.76
N ALA B 198 -6.08 15.77 5.79
CA ALA B 198 -4.69 15.50 6.15
C ALA B 198 -4.57 14.03 6.55
N ALA B 199 -3.32 13.57 6.68
CA ALA B 199 -3.08 12.15 6.93
C ALA B 199 -3.71 11.71 8.24
N GLN B 200 -4.38 10.56 8.21
CA GLN B 200 -5.14 10.01 9.32
C GLN B 200 -5.02 8.50 9.32
N PRO B 201 -4.99 7.87 10.49
CA PRO B 201 -5.09 6.40 10.53
C PRO B 201 -6.52 5.92 10.27
N PHE B 202 -6.60 4.74 9.65
CA PHE B 202 -7.87 4.06 9.42
C PHE B 202 -7.68 2.58 9.68
N THR B 203 -8.67 1.97 10.33
CA THR B 203 -8.61 0.56 10.70
C THR B 203 -9.56 -0.22 9.80
N ILE B 204 -9.00 -1.04 8.93
CA ILE B 204 -9.80 -1.99 8.16
C ILE B 204 -10.22 -3.14 9.09
N GLY B 205 -11.53 -3.37 9.18
CA GLY B 205 -12.07 -4.40 10.03
C GLY B 205 -12.54 -3.93 11.39
N ASP B 206 -12.71 -2.62 11.58
CA ASP B 206 -13.12 -2.07 12.88
C ASP B 206 -14.61 -2.23 13.17
N ASN B 207 -15.36 -2.88 12.27
CA ASN B 207 -16.77 -3.24 12.43
C ASN B 207 -17.71 -2.04 12.36
N LYS B 208 -17.21 -0.82 12.14
CA LYS B 208 -18.11 0.32 11.96
C LYS B 208 -18.59 0.41 10.51
N THR B 209 -19.64 1.21 10.32
CA THR B 209 -20.25 1.44 9.02
C THR B 209 -19.92 2.85 8.52
N TYR B 210 -19.40 2.94 7.30
CA TYR B 210 -19.01 4.22 6.70
C TYR B 210 -19.79 4.41 5.41
N ASN B 211 -20.63 5.46 5.37
CA ASN B 211 -21.49 5.75 4.22
C ASN B 211 -22.29 4.53 3.77
N GLY B 212 -22.75 3.75 4.75
CA GLY B 212 -23.54 2.57 4.48
C GLY B 212 -22.74 1.34 4.12
N TYR B 213 -21.42 1.42 4.09
CA TYR B 213 -20.57 0.25 3.89
C TYR B 213 -20.07 -0.24 5.24
N TRP B 214 -20.28 -1.52 5.52
CA TRP B 214 -19.91 -2.12 6.79
C TRP B 214 -18.46 -2.60 6.73
N ASN B 215 -17.61 -2.02 7.58
CA ASN B 215 -16.19 -2.38 7.65
C ASN B 215 -16.03 -3.69 8.43
N THR B 216 -16.49 -4.77 7.81
CA THR B 216 -16.56 -6.08 8.46
C THR B 216 -15.19 -6.52 8.95
N PRO B 217 -15.08 -7.10 10.14
CA PRO B 217 -13.80 -7.65 10.60
C PRO B 217 -13.27 -8.72 9.64
N LEU B 218 -11.98 -8.63 9.36
CA LEU B 218 -11.31 -9.61 8.50
C LEU B 218 -11.20 -10.95 9.23
N LEU B 219 -11.26 -12.04 8.46
CA LEU B 219 -11.16 -13.36 9.04
C LEU B 219 -9.70 -13.75 9.28
N PRO B 220 -9.39 -14.35 10.43
CA PRO B 220 -7.99 -14.52 10.82
C PRO B 220 -7.23 -15.53 9.96
N TYR B 221 -7.91 -16.44 9.28
CA TYR B 221 -7.25 -17.40 8.42
C TYR B 221 -7.22 -16.98 6.96
N LYS B 222 -7.93 -15.92 6.58
CA LYS B 222 -7.96 -15.49 5.20
C LYS B 222 -6.85 -14.47 4.93
N SER B 223 -6.38 -14.47 3.70
CA SER B 223 -5.39 -13.51 3.24
C SER B 223 -6.04 -12.47 2.34
N TYR B 224 -5.69 -11.21 2.56
CA TYR B 224 -6.34 -10.10 1.88
C TYR B 224 -5.29 -9.17 1.30
N ARG B 225 -5.64 -8.54 0.19
CA ARG B 225 -4.98 -7.33 -0.28
C ARG B 225 -5.97 -6.18 -0.26
N ILE B 226 -5.52 -5.02 0.22
CA ILE B 226 -6.38 -3.91 0.59
C ILE B 226 -6.00 -2.70 -0.25
N TYR B 227 -7.00 -2.02 -0.80
CA TYR B 227 -6.77 -0.89 -1.69
C TYR B 227 -7.47 0.37 -1.18
N PHE B 228 -6.82 1.51 -1.41
CA PHE B 228 -7.35 2.83 -1.13
C PHE B 228 -7.66 3.51 -2.47
N GLN B 229 -8.90 3.95 -2.64
CA GLN B 229 -9.41 4.39 -3.94
C GLN B 229 -10.00 5.78 -3.83
N ALA B 230 -9.82 6.58 -4.87
CA ALA B 230 -10.32 7.96 -4.90
C ALA B 230 -10.99 8.24 -6.24
N ALA B 231 -12.06 9.03 -6.20
CA ALA B 231 -12.87 9.31 -7.38
C ALA B 231 -13.06 10.82 -7.54
N SER B 232 -13.13 11.26 -8.80
CA SER B 232 -13.50 12.62 -9.16
C SER B 232 -14.69 12.59 -10.09
N ARG B 233 -15.75 13.32 -9.72
CA ARG B 233 -16.85 13.64 -10.62
C ARG B 233 -16.83 15.13 -10.94
N ALA B 234 -16.93 15.46 -12.22
CA ALA B 234 -17.20 16.82 -12.66
C ALA B 234 -17.64 16.75 -14.11
N ASN B 235 -18.34 17.79 -14.55
CA ASN B 235 -18.68 17.97 -15.96
C ASN B 235 -19.42 16.78 -16.57
N GLY B 236 -20.06 15.96 -15.72
CA GLY B 236 -20.74 14.75 -16.15
C GLY B 236 -19.87 13.51 -16.33
N GLU B 237 -18.55 13.67 -16.34
CA GLU B 237 -17.59 12.57 -16.40
C GLU B 237 -17.09 12.22 -14.99
N THR B 238 -16.64 11.00 -14.84
CA THR B 238 -16.16 10.52 -13.56
C THR B 238 -14.96 9.61 -13.77
N LYS B 239 -13.87 9.85 -13.04
CA LYS B 239 -12.61 9.14 -13.16
C LYS B 239 -12.17 8.67 -11.78
N ILE B 240 -11.64 7.45 -11.69
CA ILE B 240 -11.22 6.85 -10.42
C ILE B 240 -9.80 6.34 -10.55
N ASP B 241 -9.08 6.36 -9.43
CA ASP B 241 -7.76 5.76 -9.31
C ASP B 241 -7.64 5.09 -7.94
N CYS B 242 -6.65 4.21 -7.81
CA CYS B 242 -6.50 3.43 -6.59
C CYS B 242 -5.04 3.03 -6.39
N VAL B 243 -4.71 2.73 -5.14
CA VAL B 243 -3.38 2.25 -4.77
C VAL B 243 -3.53 1.16 -3.72
N GLN B 244 -2.71 0.12 -3.83
CA GLN B 244 -2.69 -0.92 -2.80
C GLN B 244 -1.94 -0.40 -1.57
N VAL B 245 -2.59 -0.49 -0.41
CA VAL B 245 -2.04 0.11 0.80
C VAL B 245 -1.59 -0.92 1.83
N ALA B 246 -2.10 -2.15 1.79
CA ALA B 246 -1.70 -3.14 2.77
C ALA B 246 -1.99 -4.53 2.23
N THR B 247 -1.31 -5.51 2.83
CA THR B 247 -1.62 -6.92 2.66
C THR B 247 -1.72 -7.56 4.03
N LYS B 248 -2.60 -8.56 4.15
CA LYS B 248 -2.76 -9.33 5.37
C LYS B 248 -2.73 -10.82 5.07
N GLY B 249 -1.99 -11.56 5.89
CA GLY B 249 -1.94 -13.01 5.80
C GLY B 249 -2.88 -13.70 6.77
N GLY B 250 -2.87 -15.02 6.70
CA GLY B 250 -3.69 -15.83 7.58
C GLY B 250 -3.10 -16.01 8.96
#